data_8V6X
#
_entry.id   8V6X
#
_cell.length_a   78.219
_cell.length_b   78.219
_cell.length_c   84.324
_cell.angle_alpha   90.00
_cell.angle_beta   90.00
_cell.angle_gamma   90.00
#
_symmetry.space_group_name_H-M   'P 42 21 2'
#
loop_
_entity.id
_entity.type
_entity.pdbx_description
1 polymer 'Inositol polyphosphate multikinase'
2 non-polymer '(1S,2S)-2-[3-(3,5-dimethylphenyl)-2,1-benzoxazol-5-yl]cyclopropane-1-carboxylic acid'
3 water water
#
_entity_poly.entity_id   1
_entity_poly.type   'polypeptide(L)'
_entity_poly.pdbx_seq_one_letter_code
;GSFTSHQVAGHMYGKDKVGILQHPDGTVLKQLQPPPRGPRELEFYNMVYAADCFDGVLLELRKYLPKYYGIWSPPTAPND
LYLKLEDVTHKFNKPCIMDVKIGQKSYDPFASSEKIQQQVSKYPLMEEIGFLVLGMRVYHVHSDSYETENQHYGRSLTKE
TIKDGVSRFFHNGYCLRKDAVAASIQKIEKILQWFENQKQLNFYASSLLFVYEGSSQGGSGGEVEVRMIDFAHVFPSNTI
DEGYVYGLKHLISVLRSILDN
;
_entity_poly.pdbx_strand_id   A
#
# COMPACT_ATOMS: atom_id res chain seq x y z
N ILE A 20 -7.39 11.14 -3.87
CA ILE A 20 -6.98 11.60 -2.51
C ILE A 20 -6.95 13.12 -2.47
N LEU A 21 -7.57 13.70 -1.43
CA LEU A 21 -7.49 15.11 -1.15
C LEU A 21 -6.79 15.31 0.20
N GLN A 22 -5.64 15.98 0.17
CA GLN A 22 -4.93 16.31 1.40
C GLN A 22 -5.69 17.43 2.10
N HIS A 23 -5.76 17.36 3.44
CA HIS A 23 -6.25 18.46 4.25
C HIS A 23 -5.16 18.93 5.19
N PRO A 24 -5.06 20.26 5.45
CA PRO A 24 -4.08 20.80 6.40
C PRO A 24 -4.24 20.34 7.85
N ASP A 25 -5.39 19.73 8.18
CA ASP A 25 -5.61 19.20 9.52
C ASP A 25 -4.98 17.82 9.69
N GLY A 26 -4.20 17.38 8.69
CA GLY A 26 -3.41 16.17 8.79
C GLY A 26 -4.21 14.91 8.44
N THR A 27 -5.26 15.09 7.62
CA THR A 27 -6.06 13.97 7.16
C THR A 27 -6.14 14.00 5.63
N VAL A 28 -6.52 12.86 5.06
CA VAL A 28 -6.85 12.77 3.65
C VAL A 28 -8.31 12.33 3.55
N LEU A 29 -9.00 12.85 2.53
CA LEU A 29 -10.35 12.43 2.20
C LEU A 29 -10.29 11.58 0.94
N LYS A 30 -10.69 10.31 1.07
CA LYS A 30 -10.78 9.44 -0.09
C LYS A 30 -12.25 9.29 -0.49
N GLN A 31 -12.54 9.62 -1.74
CA GLN A 31 -13.90 9.50 -2.26
C GLN A 31 -14.19 8.03 -2.50
N LEU A 32 -15.33 7.56 -2.00
CA LEU A 32 -15.70 6.19 -2.18
C LEU A 32 -15.81 5.90 -3.66
N GLN A 33 -15.21 4.80 -4.07
CA GLN A 33 -15.29 4.41 -5.44
C GLN A 33 -16.70 3.87 -5.77
N PRO A 34 -16.99 3.73 -7.05
CA PRO A 34 -18.28 3.17 -7.44
C PRO A 34 -18.58 1.81 -6.88
N PRO A 35 -19.87 1.50 -6.70
CA PRO A 35 -20.28 0.19 -6.19
C PRO A 35 -19.83 -0.91 -7.14
N PRO A 36 -19.41 -2.05 -6.58
CA PRO A 36 -19.42 -2.33 -5.14
C PRO A 36 -18.14 -2.01 -4.35
N ARG A 37 -17.16 -1.40 -5.02
CA ARG A 37 -15.83 -1.23 -4.44
C ARG A 37 -15.85 -0.24 -3.27
N GLY A 38 -16.42 0.95 -3.49
CA GLY A 38 -16.47 1.97 -2.45
C GLY A 38 -17.19 1.48 -1.20
N PRO A 39 -18.44 0.99 -1.34
CA PRO A 39 -19.18 0.41 -0.22
C PRO A 39 -18.41 -0.69 0.52
N ARG A 40 -17.67 -1.52 -0.22
CA ARG A 40 -16.91 -2.59 0.41
C ARG A 40 -15.80 -2.00 1.27
N GLU A 41 -15.14 -0.95 0.78
CA GLU A 41 -14.05 -0.34 1.51
C GLU A 41 -14.56 0.35 2.78
N LEU A 42 -15.70 1.06 2.66
CA LEU A 42 -16.31 1.70 3.83
C LEU A 42 -16.60 0.66 4.91
N GLU A 43 -17.18 -0.47 4.49
CA GLU A 43 -17.53 -1.55 5.39
C GLU A 43 -16.28 -2.12 6.07
N PHE A 44 -15.18 -2.24 5.32
CA PHE A 44 -13.95 -2.78 5.89
C PHE A 44 -13.47 -1.90 7.04
N TYR A 45 -13.34 -0.60 6.77
CA TYR A 45 -12.87 0.35 7.77
C TYR A 45 -13.81 0.35 8.97
N ASN A 46 -15.11 0.22 8.74
CA ASN A 46 -16.10 0.22 9.81
C ASN A 46 -15.95 -1.02 10.69
N MET A 47 -15.67 -2.17 10.07
CA MET A 47 -15.46 -3.41 10.82
C MET A 47 -14.20 -3.32 11.67
N VAL A 48 -13.09 -2.84 11.08
CA VAL A 48 -11.80 -2.81 11.74
C VAL A 48 -11.85 -1.84 12.92
N TYR A 49 -12.43 -0.66 12.69
CA TYR A 49 -12.45 0.40 13.67
C TYR A 49 -13.80 0.49 14.38
N ALA A 50 -14.49 -0.66 14.51
CA ALA A 50 -15.68 -0.73 15.34
C ALA A 50 -15.29 -0.40 16.77
N ALA A 51 -16.03 0.53 17.37
CA ALA A 51 -15.74 1.03 18.71
C ALA A 51 -15.84 -0.09 19.74
N ASP A 52 -16.69 -1.09 19.47
CA ASP A 52 -16.91 -2.20 20.39
C ASP A 52 -16.17 -3.45 19.93
N CYS A 53 -15.16 -3.30 19.06
CA CYS A 53 -14.39 -4.44 18.58
C CYS A 53 -13.42 -4.90 19.67
N PHE A 54 -13.43 -6.21 19.95
CA PHE A 54 -12.51 -6.80 20.91
C PHE A 54 -11.71 -7.93 20.24
N ASP A 55 -11.74 -7.99 18.91
CA ASP A 55 -11.03 -9.03 18.17
C ASP A 55 -9.55 -8.67 18.13
N GLY A 56 -8.72 -9.49 18.79
CA GLY A 56 -7.29 -9.26 18.90
C GLY A 56 -6.62 -9.07 17.54
N VAL A 57 -7.10 -9.80 16.53
CA VAL A 57 -6.55 -9.72 15.18
C VAL A 57 -6.82 -8.33 14.62
N LEU A 58 -8.06 -7.85 14.75
CA LEU A 58 -8.46 -6.57 14.16
C LEU A 58 -7.86 -5.40 14.95
N LEU A 59 -7.67 -5.57 16.26
CA LEU A 59 -7.03 -4.55 17.09
C LEU A 59 -5.57 -4.40 16.69
N GLU A 60 -4.91 -5.53 16.40
CA GLU A 60 -3.53 -5.52 15.94
C GLU A 60 -3.45 -4.87 14.55
N LEU A 61 -4.45 -5.12 13.70
CA LEU A 61 -4.43 -4.64 12.32
C LEU A 61 -4.44 -3.11 12.28
N ARG A 62 -5.13 -2.48 13.25
CA ARG A 62 -5.24 -1.03 13.32
C ARG A 62 -3.87 -0.35 13.36
N LYS A 63 -2.86 -1.04 13.92
CA LYS A 63 -1.51 -0.49 14.00
C LYS A 63 -0.96 -0.19 12.61
N TYR A 64 -1.42 -0.92 11.58
CA TYR A 64 -0.81 -0.91 10.27
C TYR A 64 -1.65 -0.15 9.25
N LEU A 65 -2.85 0.30 9.64
CA LEU A 65 -3.71 1.05 8.75
C LEU A 65 -3.57 2.54 9.05
N PRO A 66 -4.03 3.44 8.16
CA PRO A 66 -4.23 4.84 8.53
C PRO A 66 -5.31 4.86 9.61
N LYS A 67 -5.17 5.77 10.58
CA LYS A 67 -6.24 5.99 11.54
C LYS A 67 -7.49 6.40 10.75
N TYR A 68 -8.64 5.91 11.21
CA TYR A 68 -9.90 6.10 10.51
C TYR A 68 -10.84 6.97 11.35
N TYR A 69 -11.32 8.07 10.75
CA TYR A 69 -12.09 9.07 11.49
C TYR A 69 -13.56 9.00 11.08
N GLY A 70 -13.95 7.87 10.46
CA GLY A 70 -15.32 7.66 10.07
C GLY A 70 -15.60 8.19 8.67
N ILE A 71 -16.85 7.99 8.25
CA ILE A 71 -17.34 8.51 6.97
C ILE A 71 -17.52 10.02 7.08
N TRP A 72 -17.18 10.72 5.99
CA TRP A 72 -17.36 12.15 5.90
C TRP A 72 -18.05 12.50 4.59
N SER A 73 -18.90 13.54 4.62
CA SER A 73 -19.51 14.09 3.42
C SER A 73 -19.63 15.60 3.58
N PRO A 74 -19.53 16.39 2.48
CA PRO A 74 -19.64 17.85 2.58
C PRO A 74 -20.95 18.27 3.23
N PRO A 75 -20.96 19.36 4.04
CA PRO A 75 -22.17 19.82 4.72
C PRO A 75 -23.41 19.92 3.84
N THR A 76 -23.22 20.34 2.58
CA THR A 76 -24.32 20.60 1.67
C THR A 76 -24.47 19.49 0.62
N ALA A 77 -23.86 18.32 0.88
CA ALA A 77 -23.89 17.22 -0.08
C ALA A 77 -23.79 15.87 0.64
N PRO A 78 -24.90 15.39 1.27
CA PRO A 78 -24.91 14.06 1.90
C PRO A 78 -24.63 12.89 0.95
N ASN A 79 -24.86 13.12 -0.34
CA ASN A 79 -24.69 12.10 -1.37
C ASN A 79 -23.21 11.77 -1.61
N ASP A 80 -22.33 12.74 -1.34
CA ASP A 80 -20.92 12.66 -1.73
C ASP A 80 -20.11 12.06 -0.58
N LEU A 81 -19.83 10.75 -0.66
CA LEU A 81 -19.25 10.01 0.44
C LEU A 81 -17.74 9.96 0.35
N TYR A 82 -17.07 10.21 1.48
CA TYR A 82 -15.63 10.05 1.59
C TYR A 82 -15.29 9.25 2.84
N LEU A 83 -14.07 8.69 2.83
CA LEU A 83 -13.43 8.18 4.02
C LEU A 83 -12.47 9.26 4.53
N LYS A 84 -12.51 9.51 5.83
CA LYS A 84 -11.59 10.43 6.47
C LYS A 84 -10.49 9.60 7.13
N LEU A 85 -9.26 9.77 6.62
CA LEU A 85 -8.11 8.96 6.98
C LEU A 85 -6.94 9.85 7.40
N GLU A 86 -6.15 9.35 8.35
CA GLU A 86 -4.86 9.94 8.70
C GLU A 86 -4.03 10.18 7.44
N ASP A 87 -3.45 11.38 7.34
CA ASP A 87 -2.44 11.65 6.32
C ASP A 87 -1.09 11.21 6.89
N VAL A 88 -0.59 10.11 6.35
CA VAL A 88 0.63 9.45 6.82
C VAL A 88 1.84 10.29 6.45
N THR A 89 1.69 11.24 5.52
CA THR A 89 2.80 12.01 4.98
C THR A 89 2.91 13.37 5.67
N HIS A 90 2.03 13.64 6.65
CA HIS A 90 1.85 14.97 7.19
C HIS A 90 3.07 15.41 8.00
N LYS A 91 3.70 14.47 8.70
CA LYS A 91 4.79 14.74 9.61
C LYS A 91 6.14 14.82 8.90
N PHE A 92 6.16 14.67 7.56
CA PHE A 92 7.40 14.68 6.81
C PHE A 92 7.64 16.06 6.18
N ASN A 93 8.92 16.41 6.03
CA ASN A 93 9.34 17.65 5.39
C ASN A 93 9.24 17.47 3.88
N LYS A 94 10.06 16.55 3.34
CA LYS A 94 10.07 16.23 1.93
C LYS A 94 9.72 14.77 1.76
N PRO A 95 8.43 14.39 1.92
CA PRO A 95 8.04 12.98 1.89
C PRO A 95 8.29 12.35 0.51
N CYS A 96 9.00 11.22 0.53
CA CYS A 96 9.11 10.34 -0.62
C CYS A 96 8.07 9.23 -0.46
N ILE A 97 7.23 9.04 -1.49
CA ILE A 97 6.04 8.22 -1.37
C ILE A 97 6.04 7.17 -2.48
N MET A 98 5.78 5.92 -2.10
CA MET A 98 5.60 4.85 -3.08
C MET A 98 4.42 3.97 -2.66
N ASP A 99 3.56 3.66 -3.64
CA ASP A 99 2.40 2.81 -3.48
C ASP A 99 2.68 1.49 -4.21
N VAL A 100 2.58 0.37 -3.48
CA VAL A 100 2.89 -0.94 -4.03
C VAL A 100 1.70 -1.87 -3.79
N LYS A 101 1.13 -2.37 -4.88
CA LYS A 101 0.06 -3.35 -4.77
C LYS A 101 0.64 -4.70 -4.39
N ILE A 102 -0.02 -5.42 -3.48
CA ILE A 102 0.52 -6.67 -2.97
C ILE A 102 -0.41 -7.82 -3.34
N GLY A 103 0.19 -8.94 -3.74
CA GLY A 103 -0.52 -10.19 -3.91
C GLY A 103 -0.22 -10.84 -5.26
N GLN A 104 -0.70 -12.07 -5.43
CA GLN A 104 -0.52 -12.80 -6.68
C GLN A 104 -1.73 -12.60 -7.59
N LYS A 105 -2.89 -12.31 -6.99
CA LYS A 105 -4.11 -12.05 -7.73
C LYS A 105 -4.62 -10.67 -7.36
N SER A 106 -4.90 -9.83 -8.37
N SER A 106 -4.91 -9.85 -8.38
CA SER A 106 -5.54 -8.55 -8.17
CA SER A 106 -5.53 -8.54 -8.18
C SER A 106 -6.99 -8.61 -8.65
C SER A 106 -7.04 -8.64 -8.36
N TYR A 107 -7.53 -9.83 -8.71
CA TYR A 107 -8.95 -10.06 -8.87
C TYR A 107 -9.45 -10.81 -7.63
N ASP A 108 -10.74 -10.67 -7.32
CA ASP A 108 -11.27 -11.20 -6.08
C ASP A 108 -12.01 -12.50 -6.36
N PRO A 109 -12.47 -13.23 -5.32
CA PRO A 109 -13.17 -14.50 -5.49
C PRO A 109 -14.51 -14.45 -6.22
N PHE A 110 -15.00 -13.25 -6.55
CA PHE A 110 -16.29 -13.09 -7.19
C PHE A 110 -16.14 -12.38 -8.54
N ALA A 111 -14.94 -12.51 -9.14
CA ALA A 111 -14.67 -11.92 -10.44
C ALA A 111 -15.11 -12.86 -11.54
N SER A 112 -15.74 -12.30 -12.58
CA SER A 112 -16.09 -13.03 -13.79
C SER A 112 -14.83 -13.33 -14.59
N SER A 113 -14.97 -14.20 -15.60
CA SER A 113 -13.87 -14.50 -16.50
C SER A 113 -13.40 -13.24 -17.21
N GLU A 114 -14.33 -12.34 -17.54
CA GLU A 114 -14.01 -11.08 -18.19
C GLU A 114 -13.15 -10.23 -17.25
N LYS A 115 -13.52 -10.18 -15.97
CA LYS A 115 -12.88 -9.31 -14.99
C LYS A 115 -11.50 -9.86 -14.62
N ILE A 116 -11.38 -11.19 -14.48
CA ILE A 116 -10.11 -11.83 -14.19
C ILE A 116 -9.12 -11.50 -15.30
N GLN A 117 -9.63 -11.50 -16.53
CA GLN A 117 -8.82 -11.27 -17.72
C GLN A 117 -8.36 -9.82 -17.76
N GLN A 118 -9.30 -8.89 -17.52
CA GLN A 118 -8.99 -7.48 -17.37
C GLN A 118 -7.88 -7.28 -16.36
N GLN A 119 -8.06 -7.87 -15.16
CA GLN A 119 -7.17 -7.62 -14.04
C GLN A 119 -5.79 -8.22 -14.31
N VAL A 120 -5.75 -9.46 -14.82
CA VAL A 120 -4.47 -10.11 -15.09
C VAL A 120 -3.74 -9.35 -16.18
N SER A 121 -4.48 -8.86 -17.20
CA SER A 121 -3.88 -8.17 -18.33
C SER A 121 -3.25 -6.84 -17.91
N LYS A 122 -3.91 -6.06 -17.03
CA LYS A 122 -3.43 -4.73 -16.56
C LYS A 122 -2.00 -4.86 -16.16
N TYR A 123 -1.67 -5.98 -15.60
CA TYR A 123 -0.32 -6.23 -15.29
C TYR A 123 -0.20 -7.72 -15.20
N PRO A 124 0.04 -8.36 -16.35
CA PRO A 124 0.03 -9.83 -16.37
C PRO A 124 1.13 -10.50 -15.60
N LEU A 125 2.03 -9.71 -15.07
CA LEU A 125 3.13 -10.28 -14.26
C LEU A 125 2.85 -10.45 -12.75
N MET A 126 1.67 -10.05 -12.31
CA MET A 126 1.35 -10.13 -10.87
C MET A 126 1.64 -11.44 -10.16
N GLU A 127 1.32 -12.62 -10.75
CA GLU A 127 1.47 -13.91 -10.04
C GLU A 127 2.89 -14.38 -9.74
N GLU A 128 3.79 -14.08 -10.60
CA GLU A 128 5.21 -14.41 -10.52
C GLU A 128 5.92 -13.55 -9.48
N ILE A 129 5.63 -12.23 -9.47
CA ILE A 129 6.39 -11.30 -8.65
C ILE A 129 5.69 -11.08 -7.32
N GLY A 130 4.36 -10.99 -7.31
CA GLY A 130 3.61 -10.86 -6.07
C GLY A 130 3.46 -9.42 -5.60
N PHE A 131 3.92 -8.47 -6.42
CA PHE A 131 3.72 -7.06 -6.12
C PHE A 131 3.88 -6.24 -7.40
N LEU A 132 3.33 -5.02 -7.36
CA LEU A 132 3.36 -4.09 -8.48
C LEU A 132 3.48 -2.67 -7.94
N VAL A 133 4.49 -1.94 -8.41
CA VAL A 133 4.64 -0.54 -8.05
C VAL A 133 3.59 0.26 -8.82
N LEU A 134 2.72 0.95 -8.08
CA LEU A 134 1.65 1.73 -8.67
C LEU A 134 2.14 3.15 -8.99
N GLY A 135 3.18 3.59 -8.29
CA GLY A 135 3.78 4.89 -8.56
C GLY A 135 4.75 5.28 -7.45
N MET A 136 5.61 6.26 -7.73
CA MET A 136 6.46 6.80 -6.70
C MET A 136 6.68 8.29 -6.93
N ARG A 137 7.04 8.97 -5.85
CA ARG A 137 7.40 10.37 -5.86
C ARG A 137 8.67 10.48 -5.01
N VAL A 138 9.78 10.87 -5.64
CA VAL A 138 11.09 10.81 -5.00
C VAL A 138 11.72 12.20 -5.03
N TYR A 139 12.06 12.72 -3.84
CA TYR A 139 12.75 14.00 -3.72
C TYR A 139 14.22 13.81 -4.08
N HIS A 140 14.74 14.68 -4.97
CA HIS A 140 16.15 14.71 -5.30
C HIS A 140 16.79 15.93 -4.64
N VAL A 141 17.83 15.68 -3.85
CA VAL A 141 18.41 16.67 -2.95
C VAL A 141 19.09 17.78 -3.76
N HIS A 142 19.87 17.40 -4.78
CA HIS A 142 20.75 18.32 -5.46
C HIS A 142 20.01 19.21 -6.45
N SER A 143 18.74 18.86 -6.75
CA SER A 143 17.91 19.68 -7.62
C SER A 143 16.79 20.35 -6.81
N ASP A 144 16.60 19.93 -5.55
CA ASP A 144 15.53 20.43 -4.70
C ASP A 144 14.19 20.27 -5.40
N SER A 145 13.92 19.04 -5.87
CA SER A 145 12.77 18.79 -6.73
C SER A 145 12.34 17.33 -6.65
N TYR A 146 11.15 17.05 -7.18
CA TYR A 146 10.57 15.73 -7.19
C TYR A 146 10.57 15.15 -8.61
N GLU A 147 10.96 13.88 -8.73
CA GLU A 147 10.62 13.08 -9.90
C GLU A 147 9.48 12.15 -9.51
N THR A 148 8.59 11.89 -10.47
CA THR A 148 7.44 11.02 -10.23
C THR A 148 7.40 9.95 -11.31
N GLU A 149 6.93 8.77 -10.93
CA GLU A 149 6.62 7.69 -11.86
C GLU A 149 5.16 7.32 -11.70
N ASN A 150 4.49 7.04 -12.84
CA ASN A 150 3.08 6.70 -12.86
C ASN A 150 2.94 5.18 -12.93
N GLN A 151 1.72 4.70 -13.21
CA GLN A 151 1.40 3.27 -13.14
C GLN A 151 2.11 2.50 -14.24
N HIS A 152 2.48 3.17 -15.34
CA HIS A 152 3.14 2.52 -16.45
C HIS A 152 4.56 2.10 -16.06
N TYR A 153 5.18 2.82 -15.11
CA TYR A 153 6.52 2.51 -14.66
C TYR A 153 6.57 1.10 -14.08
N GLY A 154 5.75 0.85 -13.05
CA GLY A 154 5.73 -0.43 -12.36
C GLY A 154 5.24 -1.56 -13.26
N ARG A 155 4.28 -1.26 -14.15
CA ARG A 155 3.72 -2.23 -15.06
C ARG A 155 4.73 -2.63 -16.13
N SER A 156 5.82 -1.86 -16.27
CA SER A 156 6.87 -2.14 -17.23
C SER A 156 8.00 -2.96 -16.60
N LEU A 157 7.96 -3.16 -15.28
CA LEU A 157 9.04 -3.87 -14.60
C LEU A 157 8.85 -5.37 -14.75
N THR A 158 9.98 -6.08 -14.92
CA THR A 158 10.01 -7.52 -15.08
C THR A 158 10.92 -8.12 -14.01
N LYS A 159 10.99 -9.45 -13.97
CA LYS A 159 11.84 -10.17 -13.03
C LYS A 159 13.26 -9.62 -13.12
N GLU A 160 13.70 -9.26 -14.33
CA GLU A 160 15.06 -8.81 -14.59
C GLU A 160 15.30 -7.42 -14.00
N THR A 161 14.27 -6.58 -13.93
CA THR A 161 14.46 -5.16 -13.65
C THR A 161 13.75 -4.73 -12.37
N ILE A 162 13.14 -5.66 -11.63
CA ILE A 162 12.34 -5.28 -10.48
C ILE A 162 13.23 -4.71 -9.37
N LYS A 163 14.44 -5.25 -9.21
CA LYS A 163 15.33 -4.79 -8.14
C LYS A 163 15.72 -3.33 -8.39
N ASP A 164 16.16 -3.04 -9.62
CA ASP A 164 16.56 -1.69 -10.01
C ASP A 164 15.35 -0.76 -10.01
N GLY A 165 14.18 -1.32 -10.38
CA GLY A 165 12.94 -0.57 -10.42
C GLY A 165 12.52 -0.07 -9.04
N VAL A 166 12.69 -0.93 -8.03
CA VAL A 166 12.35 -0.60 -6.65
C VAL A 166 13.43 0.29 -6.04
N SER A 167 14.71 0.06 -6.38
N SER A 167 14.70 0.02 -6.37
CA SER A 167 15.80 0.82 -5.82
CA SER A 167 15.85 0.79 -5.90
C SER A 167 15.67 2.31 -6.15
C SER A 167 15.63 2.29 -6.14
N ARG A 168 15.08 2.62 -7.31
CA ARG A 168 14.91 4.01 -7.75
C ARG A 168 14.21 4.86 -6.68
N PHE A 169 13.24 4.28 -5.98
CA PHE A 169 12.49 4.98 -4.94
C PHE A 169 13.42 5.54 -3.87
N PHE A 170 14.51 4.80 -3.59
CA PHE A 170 15.39 5.09 -2.46
C PHE A 170 16.62 5.88 -2.91
N HIS A 171 16.63 6.34 -4.17
CA HIS A 171 17.77 7.06 -4.71
C HIS A 171 17.45 8.55 -4.73
N ASN A 172 18.23 9.31 -3.95
CA ASN A 172 17.99 10.74 -3.76
C ASN A 172 18.82 11.55 -4.75
N GLY A 173 19.60 10.87 -5.60
CA GLY A 173 20.41 11.53 -6.60
C GLY A 173 21.82 11.85 -6.11
N TYR A 174 22.26 11.18 -5.03
CA TYR A 174 23.67 11.15 -4.68
C TYR A 174 24.00 9.84 -3.98
N CYS A 175 23.11 9.36 -3.11
CA CYS A 175 23.30 8.07 -2.46
C CYS A 175 22.00 7.25 -2.53
N LEU A 176 22.16 5.93 -2.40
CA LEU A 176 21.06 5.03 -2.11
C LEU A 176 20.77 5.12 -0.62
N ARG A 177 19.49 5.37 -0.27
CA ARG A 177 19.09 5.53 1.11
C ARG A 177 18.88 4.15 1.74
N LYS A 178 19.98 3.46 2.05
CA LYS A 178 19.91 2.12 2.62
C LYS A 178 19.28 2.15 4.01
N ASP A 179 19.34 3.31 4.68
CA ASP A 179 18.67 3.49 5.95
C ASP A 179 17.16 3.36 5.77
N ALA A 180 16.61 3.99 4.73
CA ALA A 180 15.18 3.91 4.47
C ALA A 180 14.81 2.51 3.99
N VAL A 181 15.72 1.86 3.24
CA VAL A 181 15.47 0.51 2.77
C VAL A 181 15.36 -0.44 3.97
N ALA A 182 16.36 -0.39 4.87
CA ALA A 182 16.39 -1.29 6.01
C ALA A 182 15.18 -1.04 6.91
N ALA A 183 14.83 0.24 7.14
CA ALA A 183 13.68 0.59 7.95
C ALA A 183 12.40 0.03 7.32
N SER A 184 12.30 0.10 5.99
CA SER A 184 11.13 -0.40 5.28
C SER A 184 10.97 -1.92 5.52
N ILE A 185 12.08 -2.66 5.42
CA ILE A 185 12.07 -4.09 5.66
C ILE A 185 11.52 -4.36 7.06
N GLN A 186 12.01 -3.61 8.06
CA GLN A 186 11.64 -3.88 9.45
C GLN A 186 10.16 -3.62 9.68
N LYS A 187 9.61 -2.61 8.98
CA LYS A 187 8.19 -2.29 9.13
C LYS A 187 7.34 -3.31 8.36
N ILE A 188 7.79 -3.74 7.18
CA ILE A 188 7.08 -4.76 6.41
C ILE A 188 7.06 -6.05 7.22
N GLU A 189 8.18 -6.37 7.90
CA GLU A 189 8.27 -7.62 8.64
C GLU A 189 7.13 -7.72 9.66
N LYS A 190 6.75 -6.59 10.27
CA LYS A 190 5.69 -6.57 11.28
C LYS A 190 4.33 -6.85 10.63
N ILE A 191 4.11 -6.30 9.43
CA ILE A 191 2.89 -6.57 8.69
C ILE A 191 2.85 -8.05 8.31
N LEU A 192 4.01 -8.59 7.89
CA LEU A 192 4.12 -9.98 7.51
C LEU A 192 3.78 -10.87 8.70
N GLN A 193 4.25 -10.50 9.89
CA GLN A 193 3.97 -11.25 11.10
C GLN A 193 2.47 -11.22 11.41
N TRP A 194 1.78 -10.12 11.09
CA TRP A 194 0.33 -10.06 11.28
C TRP A 194 -0.36 -11.05 10.34
N PHE A 195 0.08 -11.10 9.08
CA PHE A 195 -0.53 -11.96 8.08
C PHE A 195 -0.28 -13.43 8.41
N GLU A 196 0.84 -13.74 9.07
CA GLU A 196 1.14 -15.11 9.44
C GLU A 196 0.37 -15.51 10.70
N ASN A 197 -0.35 -14.55 11.31
CA ASN A 197 -1.08 -14.80 12.55
C ASN A 197 -2.58 -14.56 12.38
N GLN A 198 -3.09 -14.55 11.15
CA GLN A 198 -4.52 -14.38 10.94
C GLN A 198 -4.97 -15.25 9.77
N LYS A 199 -6.22 -15.73 9.86
CA LYS A 199 -6.88 -16.45 8.78
C LYS A 199 -8.36 -16.10 8.77
N GLN A 200 -8.68 -14.81 8.77
CA GLN A 200 -10.07 -14.38 8.74
C GLN A 200 -10.30 -13.34 7.64
N LEU A 201 -9.22 -12.85 7.00
CA LEU A 201 -9.31 -11.86 5.94
C LEU A 201 -8.33 -12.21 4.81
N ASN A 202 -8.80 -12.08 3.57
CA ASN A 202 -7.93 -12.15 2.40
C ASN A 202 -8.05 -10.83 1.63
N PHE A 203 -6.92 -10.30 1.16
CA PHE A 203 -6.84 -8.97 0.60
C PHE A 203 -6.41 -9.05 -0.86
N TYR A 204 -7.26 -8.56 -1.76
CA TYR A 204 -6.95 -8.53 -3.18
C TYR A 204 -6.87 -7.09 -3.64
N ALA A 205 -5.87 -6.79 -4.47
CA ALA A 205 -5.68 -5.46 -5.03
C ALA A 205 -5.50 -4.40 -3.95
N SER A 206 -4.96 -4.79 -2.78
N SER A 206 -4.90 -4.80 -2.82
CA SER A 206 -4.63 -3.83 -1.74
CA SER A 206 -4.59 -3.92 -1.71
C SER A 206 -3.15 -3.50 -1.81
C SER A 206 -3.12 -3.53 -1.79
N SER A 207 -2.77 -2.40 -1.14
CA SER A 207 -1.47 -1.79 -1.32
C SER A 207 -0.75 -1.54 0.01
N LEU A 208 0.56 -1.38 -0.11
CA LEU A 208 1.37 -0.76 0.93
C LEU A 208 1.76 0.64 0.47
N LEU A 209 1.60 1.60 1.38
CA LEU A 209 2.10 2.95 1.17
C LEU A 209 3.39 3.11 1.97
N PHE A 210 4.47 3.39 1.24
CA PHE A 210 5.78 3.68 1.82
C PHE A 210 6.01 5.19 1.83
N VAL A 211 6.47 5.72 2.97
CA VAL A 211 6.86 7.11 3.05
C VAL A 211 8.17 7.21 3.84
N TYR A 212 9.17 7.89 3.27
CA TYR A 212 10.38 8.20 4.02
C TYR A 212 10.71 9.69 3.85
N GLU A 213 11.61 10.18 4.71
CA GLU A 213 11.99 11.58 4.69
C GLU A 213 13.14 11.79 3.70
N GLY A 214 12.90 12.62 2.68
CA GLY A 214 13.88 12.90 1.65
C GLY A 214 14.91 13.96 2.07
N SER A 215 14.52 14.87 2.98
CA SER A 215 15.39 15.95 3.39
C SER A 215 16.57 15.43 4.22
N SER A 220 15.91 12.49 9.52
CA SER A 220 15.94 11.77 8.24
C SER A 220 16.23 10.28 8.42
N GLY A 221 17.38 9.99 9.04
CA GLY A 221 17.95 8.65 9.12
C GLY A 221 16.93 7.61 9.61
N GLY A 222 16.45 6.78 8.68
CA GLY A 222 15.69 5.59 8.99
C GLY A 222 14.31 5.87 9.57
N GLU A 223 13.74 7.04 9.25
CA GLU A 223 12.39 7.39 9.68
C GLU A 223 11.40 7.13 8.55
N VAL A 224 10.55 6.10 8.72
CA VAL A 224 9.79 5.54 7.62
C VAL A 224 8.38 5.18 8.10
N GLU A 225 7.40 5.38 7.22
CA GLU A 225 6.07 4.85 7.38
C GLU A 225 5.82 3.79 6.33
N VAL A 226 5.18 2.71 6.77
CA VAL A 226 4.70 1.68 5.84
C VAL A 226 3.31 1.33 6.34
N ARG A 227 2.29 1.72 5.55
CA ARG A 227 0.94 1.40 5.93
C ARG A 227 0.14 0.65 4.84
N MET A 228 -0.80 -0.14 5.31
CA MET A 228 -1.71 -0.83 4.40
C MET A 228 -2.85 0.12 3.97
N ILE A 229 -3.16 0.15 2.67
CA ILE A 229 -4.26 0.95 2.15
C ILE A 229 -5.00 0.19 1.05
N ASP A 230 -6.20 0.69 0.68
CA ASP A 230 -6.96 0.29 -0.49
C ASP A 230 -7.65 -1.06 -0.25
N PHE A 231 -8.88 -1.00 0.28
CA PHE A 231 -9.55 -2.19 0.81
C PHE A 231 -10.89 -2.44 0.10
N ALA A 232 -10.94 -2.20 -1.22
CA ALA A 232 -12.15 -2.42 -1.99
C ALA A 232 -12.39 -3.92 -2.25
N HIS A 233 -11.38 -4.76 -2.04
CA HIS A 233 -11.49 -6.19 -2.33
C HIS A 233 -10.92 -7.04 -1.18
N VAL A 234 -11.36 -6.75 0.04
CA VAL A 234 -11.03 -7.57 1.21
C VAL A 234 -12.22 -8.45 1.53
N PHE A 235 -11.97 -9.75 1.71
CA PHE A 235 -13.04 -10.72 1.89
C PHE A 235 -12.81 -11.54 3.15
N PRO A 236 -13.88 -12.03 3.82
CA PRO A 236 -13.73 -13.00 4.90
C PRO A 236 -13.18 -14.30 4.33
N SER A 237 -12.38 -15.01 5.13
CA SER A 237 -11.71 -16.21 4.66
C SER A 237 -11.56 -17.21 5.81
N ASN A 238 -11.10 -18.42 5.46
CA ASN A 238 -10.81 -19.47 6.42
C ASN A 238 -9.37 -19.95 6.23
N THR A 239 -8.57 -19.20 5.47
CA THR A 239 -7.24 -19.62 5.08
C THR A 239 -6.27 -18.46 5.27
N ILE A 240 -4.98 -18.79 5.29
CA ILE A 240 -3.90 -17.83 5.19
C ILE A 240 -4.04 -17.11 3.85
N ASP A 241 -3.72 -15.81 3.84
CA ASP A 241 -3.64 -15.06 2.61
C ASP A 241 -2.28 -15.32 1.99
N GLU A 242 -2.16 -16.45 1.28
CA GLU A 242 -0.87 -16.97 0.82
C GLU A 242 -0.32 -16.07 -0.27
N GLY A 243 -1.21 -15.50 -1.09
CA GLY A 243 -0.82 -14.57 -2.14
C GLY A 243 -0.19 -13.30 -1.56
N TYR A 244 -0.80 -12.75 -0.51
CA TYR A 244 -0.29 -11.55 0.12
C TYR A 244 1.08 -11.85 0.74
N VAL A 245 1.17 -12.98 1.43
CA VAL A 245 2.41 -13.38 2.09
C VAL A 245 3.53 -13.53 1.05
N TYR A 246 3.25 -14.23 -0.06
CA TYR A 246 4.22 -14.40 -1.14
C TYR A 246 4.76 -13.05 -1.60
N GLY A 247 3.85 -12.09 -1.80
CA GLY A 247 4.22 -10.76 -2.25
C GLY A 247 5.08 -10.01 -1.24
N LEU A 248 4.68 -10.04 0.04
CA LEU A 248 5.45 -9.39 1.10
C LEU A 248 6.86 -9.95 1.13
N LYS A 249 6.98 -11.28 1.07
CA LYS A 249 8.27 -11.94 1.20
C LYS A 249 9.15 -11.61 -0.02
N HIS A 250 8.56 -11.61 -1.22
CA HIS A 250 9.33 -11.26 -2.40
C HIS A 250 9.79 -9.81 -2.29
N LEU A 251 8.89 -8.92 -1.83
CA LEU A 251 9.24 -7.52 -1.69
C LEU A 251 10.38 -7.33 -0.69
N ILE A 252 10.33 -8.05 0.44
CA ILE A 252 11.38 -8.01 1.44
C ILE A 252 12.69 -8.52 0.85
N SER A 253 12.61 -9.60 0.06
N SER A 253 12.61 -9.60 0.06
CA SER A 253 13.79 -10.19 -0.56
CA SER A 253 13.79 -10.19 -0.56
C SER A 253 14.46 -9.20 -1.51
C SER A 253 14.46 -9.19 -1.51
N VAL A 254 13.63 -8.47 -2.28
CA VAL A 254 14.12 -7.45 -3.20
C VAL A 254 14.79 -6.31 -2.42
N LEU A 255 14.14 -5.83 -1.35
CA LEU A 255 14.69 -4.75 -0.54
C LEU A 255 16.02 -5.19 0.09
N ARG A 256 16.09 -6.45 0.53
CA ARG A 256 17.28 -7.01 1.14
C ARG A 256 18.45 -6.98 0.17
N SER A 257 18.20 -7.32 -1.10
CA SER A 257 19.24 -7.37 -2.10
C SER A 257 19.72 -5.97 -2.47
N ILE A 258 18.85 -4.97 -2.28
CA ILE A 258 19.21 -3.58 -2.54
C ILE A 258 20.23 -3.11 -1.50
N LEU A 259 20.19 -3.70 -0.30
CA LEU A 259 21.14 -3.35 0.74
C LEU A 259 22.56 -3.80 0.37
N ASP A 260 22.67 -4.74 -0.60
CA ASP A 260 23.96 -5.25 -1.03
C ASP A 260 24.58 -4.39 -2.13
N ASN A 261 23.88 -3.33 -2.57
CA ASN A 261 24.35 -2.51 -3.68
C ASN A 261 25.65 -1.78 -3.29
#